data_6YE9
#
_entry.id   6YE9
#
_cell.length_a   82.836
_cell.length_b   112.795
_cell.length_c   62.715
_cell.angle_alpha   90.000
_cell.angle_beta   90.000
_cell.angle_gamma   90.000
#
_symmetry.space_group_name_H-M   'C 2 2 21'
#
loop_
_entity.id
_entity.type
_entity.pdbx_description
1 polymer '14-3-3 protein sigma'
2 non-polymer 'MAGNESIUM ION'
3 non-polymer '[2-[2-oxidanylidene-2-[(phenylmethyl)amino]ethoxy]phenyl]phosphonic acid'
4 water water
#
_entity_poly.entity_id   1
_entity_poly.type   'polypeptide(L)'
_entity_poly.pdbx_seq_one_letter_code
;GAMGSMERASLIQKAKLAEQAERYEDMAAFMKGAVEKGEELSCEERNLLSVAYKNVVGGQRAAWRVLSSIEQKSNEEGSE
EKGPEVREYREKVETELQGVCDTVLGLLDSHLIKEAGDAESRVFYLKMKGDYYRYLAEVATGDDKKRIIDSARSAYQEAM
DISKKEMPPTNPIRLGLALNFSVFHYEIANSPEEAISLAKTTFDEAMADLHTLSEDSYKDSTLIMQLLRDNLTLWT
;
_entity_poly.pdbx_strand_id   A
#
loop_
_chem_comp.id
_chem_comp.type
_chem_comp.name
_chem_comp.formula
MG non-polymer 'MAGNESIUM ION' 'Mg 2'
OO8 non-polymer '[2-[2-oxidanylidene-2-[(phenylmethyl)amino]ethoxy]phenyl]phosphonic acid' 'C15 H16 N O5 P'
#
# COMPACT_ATOMS: atom_id res chain seq x y z
N GLY A 1 5.78 22.68 9.13
CA GLY A 1 4.49 22.23 8.54
C GLY A 1 3.82 23.33 7.74
N ALA A 2 3.80 23.18 6.41
CA ALA A 2 3.22 24.21 5.55
C ALA A 2 1.70 24.28 5.70
N MET A 3 1.06 23.22 6.22
CA MET A 3 -0.38 23.22 6.39
C MET A 3 -0.78 23.54 7.83
N GLY A 4 0.18 23.97 8.66
CA GLY A 4 -0.14 24.21 10.07
C GLY A 4 -1.13 25.34 10.32
N SER A 5 -1.23 26.29 9.38
CA SER A 5 -2.16 27.41 9.58
C SER A 5 -3.56 27.14 8.98
N MET A 6 -3.79 26.00 8.34
CA MET A 6 -5.08 25.73 7.75
C MET A 6 -5.91 24.81 8.65
N GLU A 7 -7.20 25.12 8.76
CA GLU A 7 -8.14 24.32 9.54
C GLU A 7 -8.16 22.84 9.07
N ARG A 8 -8.27 21.94 10.04
CA ARG A 8 -8.42 20.51 9.70
C ARG A 8 -9.52 20.28 8.69
N ALA A 9 -10.71 20.86 8.93
CA ALA A 9 -11.82 20.58 8.02
C ALA A 9 -11.53 21.11 6.63
N SER A 10 -10.85 22.26 6.54
CA SER A 10 -10.50 22.84 5.24
C SER A 10 -9.53 21.94 4.49
N LEU A 11 -8.57 21.35 5.22
CA LEU A 11 -7.64 20.40 4.61
C LEU A 11 -8.37 19.19 4.04
N ILE A 12 -9.32 18.65 4.79
CA ILE A 12 -10.09 17.51 4.28
C ILE A 12 -10.91 17.93 3.07
N GLN A 13 -11.57 19.09 3.13
CA GLN A 13 -12.34 19.55 1.98
C GLN A 13 -11.46 19.68 0.74
N LYS A 14 -10.28 20.29 0.91
CA LYS A 14 -9.37 20.47 -0.22
C LYS A 14 -8.79 19.15 -0.72
N ALA A 15 -8.53 18.19 0.16
CA ALA A 15 -8.13 16.86 -0.31
C ALA A 15 -9.18 16.28 -1.26
N LYS A 16 -10.47 16.45 -0.92
CA LYS A 16 -11.52 15.91 -1.76
C LYS A 16 -11.56 16.62 -3.10
N LEU A 17 -11.36 17.94 -3.09
CA LEU A 17 -11.30 18.72 -4.33
C LEU A 17 -10.12 18.28 -5.19
N ALA A 18 -8.96 18.06 -4.58
CA ALA A 18 -7.78 17.62 -5.31
C ALA A 18 -7.99 16.25 -5.93
N GLU A 19 -8.65 15.35 -5.22
CA GLU A 19 -9.00 14.07 -5.83
C GLU A 19 -9.83 14.26 -7.10
N GLN A 20 -10.83 15.14 -7.05
CA GLN A 20 -11.68 15.41 -8.19
C GLN A 20 -10.90 15.95 -9.38
N ALA A 21 -9.89 16.78 -9.09
CA ALA A 21 -9.02 17.37 -10.09
C ALA A 21 -7.85 16.46 -10.46
N GLU A 22 -7.77 15.26 -9.87
CA GLU A 22 -6.67 14.32 -10.10
C GLU A 22 -5.32 14.97 -9.79
N ARG A 23 -5.28 15.77 -8.74
CA ARG A 23 -4.06 16.41 -8.25
C ARG A 23 -3.61 15.66 -7.01
N TYR A 24 -2.99 14.51 -7.21
CA TYR A 24 -2.76 13.61 -6.08
C TYR A 24 -1.62 14.06 -5.18
N GLU A 25 -0.60 14.75 -5.71
CA GLU A 25 0.43 15.29 -4.84
C GLU A 25 -0.16 16.32 -3.88
N ASP A 26 -1.02 17.21 -4.38
CA ASP A 26 -1.73 18.13 -3.50
C ASP A 26 -2.60 17.38 -2.51
N MET A 27 -3.34 16.39 -2.99
CA MET A 27 -4.20 15.62 -2.09
C MET A 27 -3.42 15.03 -0.94
N ALA A 28 -2.22 14.48 -1.23
CA ALA A 28 -1.39 13.87 -0.20
C ALA A 28 -0.88 14.92 0.79
N ALA A 29 -0.46 16.08 0.30
CA ALA A 29 0.00 17.11 1.21
C ALA A 29 -1.13 17.60 2.12
N PHE A 30 -2.33 17.72 1.58
CA PHE A 30 -3.46 18.15 2.41
C PHE A 30 -3.77 17.09 3.48
N MET A 31 -3.75 15.81 3.11
CA MET A 31 -4.03 14.77 4.10
C MET A 31 -2.90 14.62 5.12
N LYS A 32 -1.64 14.78 4.70
CA LYS A 32 -0.54 14.86 5.67
C LYS A 32 -0.81 15.96 6.68
N GLY A 33 -1.18 17.15 6.20
CA GLY A 33 -1.52 18.23 7.12
C GLY A 33 -2.65 17.87 8.05
N ALA A 34 -3.68 17.21 7.53
CA ALA A 34 -4.79 16.79 8.39
C ALA A 34 -4.31 15.82 9.48
N VAL A 35 -3.52 14.82 9.09
CA VAL A 35 -3.01 13.89 10.09
C VAL A 35 -2.22 14.62 11.16
N GLU A 36 -1.36 15.56 10.76
CA GLU A 36 -0.50 16.26 11.71
C GLU A 36 -1.26 17.19 12.64
N LYS A 37 -2.57 17.37 12.46
CA LYS A 37 -3.37 18.04 13.48
C LYS A 37 -3.47 17.23 14.75
N GLY A 38 -3.26 15.90 14.68
CA GLY A 38 -3.13 15.09 15.87
C GLY A 38 -4.37 14.33 16.29
N GLU A 39 -5.51 14.61 15.67
CA GLU A 39 -6.73 13.87 15.96
C GLU A 39 -6.76 12.58 15.14
N GLU A 40 -7.46 11.58 15.65
CA GLU A 40 -7.65 10.34 14.90
C GLU A 40 -8.44 10.64 13.62
N LEU A 41 -8.33 9.74 12.64
CA LEU A 41 -9.02 9.85 11.36
C LEU A 41 -10.24 8.94 11.30
N SER A 42 -11.30 9.44 10.68
CA SER A 42 -12.50 8.66 10.42
C SER A 42 -12.27 7.67 9.27
N CYS A 43 -13.23 6.78 9.06
N CYS A 43 -13.23 6.75 9.06
CA CYS A 43 -13.10 5.81 7.97
CA CYS A 43 -13.11 5.81 7.93
C CYS A 43 -12.91 6.52 6.63
C CYS A 43 -12.86 6.57 6.64
N GLU A 44 -13.71 7.55 6.37
CA GLU A 44 -13.61 8.27 5.10
C GLU A 44 -12.27 8.97 4.99
N GLU A 45 -11.81 9.57 6.08
CA GLU A 45 -10.53 10.26 6.06
C GLU A 45 -9.36 9.30 5.86
N ARG A 46 -9.41 8.12 6.48
CA ARG A 46 -8.39 7.11 6.25
C ARG A 46 -8.34 6.73 4.77
N ASN A 47 -9.50 6.59 4.15
CA ASN A 47 -9.49 6.22 2.74
C ASN A 47 -8.89 7.33 1.90
N LEU A 48 -9.13 8.60 2.26
CA LEU A 48 -8.56 9.71 1.50
C LEU A 48 -7.04 9.70 1.59
N LEU A 49 -6.52 9.41 2.78
CA LEU A 49 -5.07 9.35 2.96
C LEU A 49 -4.48 8.26 2.07
N SER A 50 -5.12 7.08 2.10
CA SER A 50 -4.62 5.94 1.33
C SER A 50 -4.68 6.21 -0.16
N VAL A 51 -5.80 6.72 -0.65
CA VAL A 51 -5.94 7.03 -2.08
C VAL A 51 -4.84 7.99 -2.52
N ALA A 52 -4.58 9.04 -1.74
CA ALA A 52 -3.65 10.06 -2.16
C ALA A 52 -2.25 9.47 -2.33
N TYR A 53 -1.74 8.81 -1.29
CA TYR A 53 -0.37 8.34 -1.36
C TYR A 53 -0.25 7.15 -2.30
N LYS A 54 -1.31 6.34 -2.45
CA LYS A 54 -1.22 5.23 -3.40
C LYS A 54 -1.02 5.76 -4.82
N ASN A 55 -1.71 6.84 -5.16
CA ASN A 55 -1.58 7.41 -6.49
C ASN A 55 -0.22 8.06 -6.67
N VAL A 56 0.28 8.77 -5.65
CA VAL A 56 1.58 9.42 -5.78
C VAL A 56 2.68 8.37 -5.98
N VAL A 57 2.76 7.40 -5.07
CA VAL A 57 3.79 6.39 -5.12
C VAL A 57 3.61 5.50 -6.33
N GLY A 58 2.37 5.31 -6.78
CA GLY A 58 2.15 4.53 -8.00
C GLY A 58 2.80 5.16 -9.21
N GLY A 59 2.68 6.47 -9.36
CA GLY A 59 3.38 7.15 -10.43
C GLY A 59 4.89 6.99 -10.34
N GLN A 60 5.43 7.08 -9.11
CA GLN A 60 6.87 6.95 -8.95
C GLN A 60 7.31 5.53 -9.27
N ARG A 61 6.56 4.52 -8.80
CA ARG A 61 6.92 3.13 -9.10
C ARG A 61 6.91 2.88 -10.59
N ALA A 62 5.90 3.39 -11.29
CA ALA A 62 5.83 3.17 -12.72
C ALA A 62 7.05 3.78 -13.42
N ALA A 63 7.41 5.02 -13.03
CA ALA A 63 8.58 5.68 -13.62
C ALA A 63 9.87 4.95 -13.28
N TRP A 64 10.05 4.55 -12.01
CA TRP A 64 11.23 3.78 -11.63
C TRP A 64 11.35 2.50 -12.44
N ARG A 65 10.24 1.82 -12.71
CA ARG A 65 10.32 0.59 -13.50
C ARG A 65 10.78 0.88 -14.92
N VAL A 66 10.23 1.92 -15.54
CA VAL A 66 10.68 2.29 -16.88
C VAL A 66 12.18 2.56 -16.86
N LEU A 67 12.65 3.38 -15.92
CA LEU A 67 14.06 3.77 -15.90
C LEU A 67 14.96 2.59 -15.57
N SER A 68 14.54 1.73 -14.64
CA SER A 68 15.39 0.60 -14.26
C SER A 68 15.55 -0.38 -15.42
N SER A 69 14.51 -0.53 -16.23
CA SER A 69 14.61 -1.42 -17.38
C SER A 69 15.53 -0.83 -18.43
N ILE A 70 15.47 0.47 -18.66
CA ILE A 70 16.42 1.10 -19.57
C ILE A 70 17.84 0.91 -19.05
N GLU A 71 18.01 1.05 -17.74
CA GLU A 71 19.33 0.91 -17.14
C GLU A 71 19.86 -0.50 -17.32
N GLN A 72 19.00 -1.50 -17.17
CA GLN A 72 19.45 -2.88 -17.27
C GLN A 72 19.80 -3.23 -18.72
N LYS A 73 19.03 -2.73 -19.68
CA LYS A 73 19.40 -2.90 -21.08
C LYS A 73 20.76 -2.25 -21.36
N SER A 74 20.98 -1.05 -20.83
CA SER A 74 22.24 -0.36 -21.05
C SER A 74 23.43 -1.10 -20.45
N ASN A 75 23.20 -2.01 -19.51
CA ASN A 75 24.28 -2.79 -18.94
C ASN A 75 24.17 -4.26 -19.36
N GLU A 76 24.03 -4.49 -20.66
CA GLU A 76 23.96 -5.84 -21.22
C GLU A 76 24.95 -5.97 -22.37
N GLU A 77 25.29 -7.23 -22.66
CA GLU A 77 26.16 -7.58 -23.79
C GLU A 77 25.75 -6.84 -25.05
N GLY A 78 26.68 -6.06 -25.61
CA GLY A 78 26.44 -5.43 -26.90
C GLY A 78 25.92 -4.00 -26.86
N SER A 79 25.71 -3.44 -25.66
CA SER A 79 25.26 -2.06 -25.54
C SER A 79 26.46 -1.12 -25.59
N GLU A 80 26.36 -0.06 -26.38
CA GLU A 80 27.35 1.00 -26.40
C GLU A 80 27.09 1.96 -25.25
N GLU A 81 28.14 2.34 -24.52
CA GLU A 81 27.96 3.03 -23.24
C GLU A 81 27.39 4.43 -23.43
N LYS A 82 26.52 4.82 -22.50
CA LYS A 82 25.85 6.12 -22.56
C LYS A 82 26.26 7.04 -21.42
N GLY A 83 27.08 6.56 -20.48
CA GLY A 83 27.51 7.37 -19.37
C GLY A 83 26.55 7.25 -18.20
N PRO A 84 26.69 8.15 -17.22
CA PRO A 84 26.05 7.95 -15.93
C PRO A 84 24.60 8.42 -15.87
N GLU A 85 24.08 8.98 -16.96
CA GLU A 85 22.81 9.71 -16.89
C GLU A 85 21.65 8.80 -16.48
N VAL A 86 21.54 7.62 -17.11
CA VAL A 86 20.42 6.73 -16.81
C VAL A 86 20.42 6.35 -15.33
N ARG A 87 21.58 5.95 -14.82
CA ARG A 87 21.69 5.62 -13.41
C ARG A 87 21.34 6.82 -12.54
N GLU A 88 21.90 7.98 -12.86
CA GLU A 88 21.67 9.17 -12.03
C GLU A 88 20.18 9.47 -11.93
N TYR A 89 19.47 9.40 -13.06
CA TYR A 89 18.08 9.80 -13.07
C TYR A 89 17.20 8.74 -12.39
N ARG A 90 17.52 7.46 -12.60
CA ARG A 90 16.83 6.40 -11.85
C ARG A 90 17.05 6.58 -10.35
N GLU A 91 18.25 6.97 -9.95
CA GLU A 91 18.53 7.22 -8.54
C GLU A 91 17.72 8.40 -8.01
N LYS A 92 17.54 9.44 -8.83
CA LYS A 92 16.74 10.60 -8.44
C LYS A 92 15.31 10.19 -8.13
N VAL A 93 14.69 9.49 -9.09
CA VAL A 93 13.33 9.01 -8.90
C VAL A 93 13.24 8.06 -7.71
N GLU A 94 14.19 7.13 -7.62
CA GLU A 94 14.22 6.20 -6.48
C GLU A 94 14.26 6.94 -5.15
N THR A 95 15.11 7.95 -5.06
CA THR A 95 15.22 8.71 -3.82
C THR A 95 13.92 9.44 -3.49
N GLU A 96 13.25 9.99 -4.51
CA GLU A 96 11.98 10.64 -4.31
C GLU A 96 10.93 9.65 -3.84
N LEU A 97 10.91 8.46 -4.44
CA LEU A 97 9.99 7.40 -4.01
C LEU A 97 10.24 7.00 -2.55
N GLN A 98 11.51 6.81 -2.19
CA GLN A 98 11.83 6.43 -0.81
C GLN A 98 11.39 7.51 0.14
N GLY A 99 11.46 8.77 -0.28
CA GLY A 99 11.05 9.84 0.62
C GLY A 99 9.55 9.85 0.87
N VAL A 100 8.76 9.53 -0.17
CA VAL A 100 7.32 9.41 0.01
C VAL A 100 7.00 8.26 0.95
N CYS A 101 7.64 7.11 0.74
CA CYS A 101 7.40 5.97 1.64
C CYS A 101 7.78 6.33 3.07
N ASP A 102 8.90 7.03 3.24
CA ASP A 102 9.34 7.38 4.59
C ASP A 102 8.34 8.32 5.24
N THR A 103 7.76 9.20 4.44
CA THR A 103 6.80 10.16 4.96
C THR A 103 5.57 9.44 5.47
N VAL A 104 5.06 8.49 4.69
CA VAL A 104 3.87 7.73 5.10
C VAL A 104 4.16 6.92 6.34
N LEU A 105 5.30 6.20 6.34
CA LEU A 105 5.68 5.42 7.51
C LEU A 105 5.82 6.30 8.75
N GLY A 106 6.33 7.52 8.56
CA GLY A 106 6.43 8.46 9.68
C GLY A 106 5.08 8.84 10.24
N LEU A 107 4.09 9.05 9.36
CA LEU A 107 2.75 9.39 9.83
C LEU A 107 2.15 8.24 10.61
N LEU A 108 2.37 7.02 10.12
CA LEU A 108 1.83 5.85 10.82
C LEU A 108 2.46 5.71 12.21
N ASP A 109 3.76 5.94 12.29
CA ASP A 109 4.51 5.80 13.53
C ASP A 109 4.34 6.98 14.48
N SER A 110 3.92 8.12 13.97
CA SER A 110 3.77 9.35 14.78
C SER A 110 2.50 10.10 14.36
N HIS A 111 1.33 9.66 14.82
CA HIS A 111 1.14 8.63 15.84
C HIS A 111 -0.12 7.81 15.51
N LEU A 112 -0.36 7.56 14.22
CA LEU A 112 -1.64 7.00 13.81
C LEU A 112 -1.86 5.60 14.41
N ILE A 113 -0.83 4.76 14.35
CA ILE A 113 -1.02 3.37 14.73
C ILE A 113 -1.23 3.27 16.23
N LYS A 114 -0.44 3.98 17.01
CA LYS A 114 -0.52 3.79 18.46
C LYS A 114 -1.85 4.28 19.00
N GLU A 115 -2.53 5.20 18.32
CA GLU A 115 -3.84 5.64 18.82
C GLU A 115 -4.99 4.83 18.24
N ALA A 116 -4.75 3.89 17.35
CA ALA A 116 -5.82 3.16 16.64
C ALA A 116 -6.18 1.92 17.45
N GLY A 117 -7.34 1.96 18.09
CA GLY A 117 -7.79 0.88 18.95
C GLY A 117 -8.85 -0.03 18.34
N ASP A 118 -9.63 0.47 17.39
CA ASP A 118 -10.64 -0.33 16.76
C ASP A 118 -10.02 -1.20 15.66
N ALA A 119 -10.58 -2.37 15.45
CA ALA A 119 -9.99 -3.27 14.46
C ALA A 119 -9.92 -2.64 13.07
N GLU A 120 -10.96 -1.88 12.67
CA GLU A 120 -11.01 -1.31 11.32
C GLU A 120 -9.89 -0.29 11.11
N SER A 121 -9.59 0.50 12.13
CA SER A 121 -8.50 1.47 11.95
C SER A 121 -7.14 0.81 12.09
N ARG A 122 -6.96 -0.07 13.08
CA ARG A 122 -5.65 -0.65 13.30
C ARG A 122 -5.24 -1.55 12.14
N VAL A 123 -6.14 -2.40 11.65
CA VAL A 123 -5.80 -3.25 10.50
C VAL A 123 -5.48 -2.40 9.28
N PHE A 124 -6.26 -1.33 9.08
CA PHE A 124 -6.04 -0.41 7.95
C PHE A 124 -4.63 0.15 8.00
N TYR A 125 -4.22 0.67 9.17
CA TYR A 125 -2.92 1.35 9.26
C TYR A 125 -1.78 0.35 9.16
N LEU A 126 -1.96 -0.84 9.76
CA LEU A 126 -0.91 -1.85 9.68
C LEU A 126 -0.76 -2.39 8.26
N LYS A 127 -1.86 -2.54 7.54
CA LYS A 127 -1.77 -2.88 6.12
C LYS A 127 -0.97 -1.82 5.36
N MET A 128 -1.24 -0.54 5.64
CA MET A 128 -0.48 0.54 5.00
C MET A 128 1.00 0.41 5.30
N LYS A 129 1.34 0.12 6.56
CA LYS A 129 2.73 -0.03 6.94
C LYS A 129 3.38 -1.13 6.15
N GLY A 130 2.68 -2.26 5.99
CA GLY A 130 3.21 -3.33 5.15
C GLY A 130 3.40 -2.90 3.72
N ASP A 131 2.42 -2.17 3.20
CA ASP A 131 2.47 -1.75 1.79
C ASP A 131 3.68 -0.86 1.52
N TYR A 132 3.91 0.15 2.38
CA TYR A 132 4.99 1.12 2.07
C TYR A 132 6.37 0.55 2.39
N TYR A 133 6.51 -0.41 3.31
CA TYR A 133 7.75 -1.17 3.36
C TYR A 133 7.92 -2.06 2.12
N ARG A 134 6.81 -2.61 1.59
CA ARG A 134 6.92 -3.39 0.36
C ARG A 134 7.39 -2.51 -0.79
N TYR A 135 6.90 -1.29 -0.88
CA TYR A 135 7.40 -0.43 -1.95
C TYR A 135 8.89 -0.11 -1.75
N LEU A 136 9.33 0.10 -0.50
CA LEU A 136 10.76 0.24 -0.24
C LEU A 136 11.52 -1.00 -0.66
N ALA A 137 10.97 -2.19 -0.34
CA ALA A 137 11.64 -3.43 -0.70
C ALA A 137 11.83 -3.56 -2.21
N GLU A 138 10.90 -3.02 -3.02
CA GLU A 138 10.96 -3.22 -4.45
C GLU A 138 12.21 -2.58 -5.05
N VAL A 139 12.71 -1.52 -4.44
CA VAL A 139 13.89 -0.81 -4.94
C VAL A 139 15.13 -1.05 -4.08
N ALA A 140 15.03 -1.88 -3.05
CA ALA A 140 16.16 -2.09 -2.15
C ALA A 140 17.08 -3.16 -2.70
N THR A 141 18.35 -3.08 -2.33
CA THR A 141 19.31 -4.09 -2.74
C THR A 141 20.15 -4.55 -1.56
N GLY A 142 20.16 -5.86 -1.29
CA GLY A 142 21.11 -6.47 -0.37
C GLY A 142 20.55 -6.86 0.98
N ASP A 143 21.39 -6.77 2.03
CA ASP A 143 20.94 -7.02 3.40
C ASP A 143 19.89 -5.99 3.80
N ASP A 144 20.26 -4.72 3.67
CA ASP A 144 19.29 -3.67 3.41
C ASP A 144 17.92 -4.24 3.09
N LYS A 145 17.81 -4.94 1.95
CA LYS A 145 16.53 -5.46 1.52
C LYS A 145 15.96 -6.45 2.54
N LYS A 146 16.80 -7.22 3.25
CA LYS A 146 16.22 -8.25 4.12
C LYS A 146 15.51 -7.63 5.31
N ARG A 147 16.08 -6.58 5.90
CA ARG A 147 15.43 -5.98 7.06
C ARG A 147 14.16 -5.26 6.63
N ILE A 148 14.15 -4.69 5.43
CA ILE A 148 12.95 -4.02 4.94
C ILE A 148 11.84 -5.04 4.68
N ILE A 149 12.19 -6.15 4.04
CA ILE A 149 11.22 -7.21 3.80
C ILE A 149 10.65 -7.73 5.13
N ASP A 150 11.50 -7.90 6.14
CA ASP A 150 10.98 -8.41 7.41
C ASP A 150 10.06 -7.39 8.08
N SER A 151 10.33 -6.09 7.88
CA SER A 151 9.42 -5.08 8.42
C SER A 151 8.06 -5.14 7.73
N ALA A 152 8.06 -5.30 6.40
CA ALA A 152 6.78 -5.48 5.70
C ALA A 152 6.04 -6.71 6.23
N ARG A 153 6.74 -7.84 6.30
N ARG A 153 6.74 -7.84 6.31
CA ARG A 153 6.12 -9.08 6.76
CA ARG A 153 6.12 -9.08 6.75
C ARG A 153 5.49 -8.90 8.13
C ARG A 153 5.52 -8.95 8.13
N SER A 154 6.24 -8.30 9.05
CA SER A 154 5.76 -8.17 10.42
C SER A 154 4.49 -7.36 10.48
N ALA A 155 4.43 -6.27 9.73
CA ALA A 155 3.25 -5.41 9.73
C ALA A 155 2.04 -6.15 9.16
N TYR A 156 2.22 -6.77 7.99
CA TYR A 156 1.15 -7.57 7.40
C TYR A 156 0.68 -8.66 8.34
N GLN A 157 1.60 -9.32 9.04
CA GLN A 157 1.22 -10.43 9.89
C GLN A 157 0.41 -9.96 11.10
N GLU A 158 0.84 -8.86 11.74
CA GLU A 158 0.06 -8.34 12.84
C GLU A 158 -1.34 -7.95 12.37
N ALA A 159 -1.43 -7.33 11.18
CA ALA A 159 -2.72 -6.95 10.65
C ALA A 159 -3.58 -8.18 10.39
N MET A 160 -2.96 -9.24 9.86
CA MET A 160 -3.72 -10.46 9.58
C MET A 160 -4.24 -11.06 10.88
N ASP A 161 -3.39 -11.14 11.90
CA ASP A 161 -3.82 -11.74 13.16
C ASP A 161 -5.04 -11.02 13.71
N ILE A 162 -5.03 -9.68 13.69
CA ILE A 162 -6.16 -8.91 14.19
C ILE A 162 -7.40 -9.14 13.32
N SER A 163 -7.23 -9.10 11.98
CA SER A 163 -8.37 -9.21 11.10
C SER A 163 -9.04 -10.57 11.24
N LYS A 164 -8.27 -11.63 11.48
CA LYS A 164 -8.88 -12.95 11.60
C LYS A 164 -9.67 -13.08 12.88
N LYS A 165 -9.25 -12.38 13.93
CA LYS A 165 -9.95 -12.45 15.21
C LYS A 165 -11.16 -11.53 15.24
N GLU A 166 -11.08 -10.38 14.57
CA GLU A 166 -12.03 -9.30 14.81
C GLU A 166 -12.93 -8.97 13.65
N MET A 167 -12.70 -9.52 12.45
CA MET A 167 -13.48 -9.16 11.28
C MET A 167 -14.03 -10.41 10.60
N PRO A 168 -15.19 -10.30 9.95
CA PRO A 168 -15.71 -11.45 9.20
C PRO A 168 -14.89 -11.68 7.96
N PRO A 169 -14.95 -12.88 7.38
CA PRO A 169 -14.09 -13.19 6.22
C PRO A 169 -14.40 -12.38 4.97
N THR A 170 -15.57 -11.73 4.86
CA THR A 170 -15.90 -10.90 3.71
C THR A 170 -15.56 -9.43 3.91
N ASN A 171 -15.10 -9.03 5.08
CA ASN A 171 -14.82 -7.63 5.32
C ASN A 171 -13.83 -7.09 4.27
N PRO A 172 -14.18 -6.02 3.55
CA PRO A 172 -13.29 -5.57 2.47
C PRO A 172 -11.90 -5.17 2.93
N ILE A 173 -11.76 -4.65 4.14
CA ILE A 173 -10.43 -4.36 4.67
C ILE A 173 -9.64 -5.63 4.80
N ARG A 174 -10.26 -6.66 5.40
CA ARG A 174 -9.60 -7.96 5.57
C ARG A 174 -9.24 -8.58 4.22
N LEU A 175 -10.14 -8.51 3.25
CA LEU A 175 -9.83 -9.07 1.94
C LEU A 175 -8.71 -8.33 1.23
N GLY A 176 -8.71 -7.01 1.29
CA GLY A 176 -7.66 -6.24 0.63
C GLY A 176 -6.30 -6.44 1.29
N LEU A 177 -6.29 -6.62 2.61
CA LEU A 177 -5.05 -6.97 3.31
C LEU A 177 -4.52 -8.31 2.82
N ALA A 178 -5.38 -9.33 2.79
CA ALA A 178 -4.93 -10.65 2.33
C ALA A 178 -4.46 -10.58 0.88
N LEU A 179 -5.19 -9.85 0.03
CA LEU A 179 -4.73 -9.65 -1.33
C LEU A 179 -3.31 -9.11 -1.37
N ASN A 180 -3.04 -8.01 -0.64
CA ASN A 180 -1.71 -7.39 -0.70
C ASN A 180 -0.63 -8.25 -0.05
N PHE A 181 -0.95 -8.97 1.04
CA PHE A 181 0.03 -9.86 1.66
C PHE A 181 0.37 -11.00 0.70
N SER A 182 -0.62 -11.48 -0.06
CA SER A 182 -0.35 -12.52 -1.04
C SER A 182 0.58 -11.99 -2.14
N VAL A 183 0.37 -10.73 -2.57
CA VAL A 183 1.27 -10.11 -3.54
C VAL A 183 2.67 -9.96 -2.96
N PHE A 184 2.76 -9.60 -1.66
CA PHE A 184 4.06 -9.57 -1.02
C PHE A 184 4.75 -10.93 -1.13
N HIS A 185 4.02 -12.00 -0.80
CA HIS A 185 4.65 -13.31 -0.85
C HIS A 185 5.16 -13.63 -2.26
N TYR A 186 4.35 -13.30 -3.28
CA TYR A 186 4.70 -13.71 -4.63
C TYR A 186 5.84 -12.88 -5.19
N GLU A 187 5.77 -11.57 -5.02
CA GLU A 187 6.64 -10.63 -5.72
C GLU A 187 7.88 -10.25 -4.91
N ILE A 188 7.81 -10.26 -3.59
CA ILE A 188 8.89 -9.77 -2.76
C ILE A 188 9.61 -10.91 -2.05
N ALA A 189 8.85 -11.81 -1.43
CA ALA A 189 9.40 -12.82 -0.54
C ALA A 189 9.78 -14.10 -1.25
N ASN A 190 9.57 -14.21 -2.56
CA ASN A 190 9.92 -15.42 -3.30
C ASN A 190 9.24 -16.64 -2.70
N SER A 191 7.96 -16.49 -2.33
CA SER A 191 7.15 -17.56 -1.72
C SER A 191 5.86 -17.72 -2.50
N PRO A 192 5.94 -18.11 -3.77
CA PRO A 192 4.71 -18.22 -4.56
C PRO A 192 3.73 -19.23 -4.00
N GLU A 193 4.19 -20.30 -3.37
CA GLU A 193 3.22 -21.25 -2.82
C GLU A 193 2.45 -20.62 -1.67
N GLU A 194 3.12 -19.85 -0.83
CA GLU A 194 2.43 -19.14 0.24
C GLU A 194 1.42 -18.14 -0.32
N ALA A 195 1.78 -17.43 -1.39
CA ALA A 195 0.88 -16.49 -2.05
C ALA A 195 -0.39 -17.16 -2.55
N ILE A 196 -0.24 -18.26 -3.26
CA ILE A 196 -1.38 -18.99 -3.82
C ILE A 196 -2.26 -19.57 -2.70
N SER A 197 -1.65 -20.19 -1.70
N SER A 197 -1.65 -20.17 -1.69
CA SER A 197 -2.44 -20.73 -0.60
CA SER A 197 -2.42 -20.74 -0.59
C SER A 197 -3.22 -19.64 0.13
C SER A 197 -3.20 -19.67 0.16
N LEU A 198 -2.58 -18.52 0.42
CA LEU A 198 -3.32 -17.45 1.09
C LEU A 198 -4.46 -16.94 0.22
N ALA A 199 -4.20 -16.67 -1.07
CA ALA A 199 -5.29 -16.13 -1.90
C ALA A 199 -6.45 -17.12 -2.00
N LYS A 200 -6.14 -18.42 -2.13
CA LYS A 200 -7.18 -19.44 -2.25
C LYS A 200 -7.99 -19.58 -0.96
N THR A 201 -7.32 -19.70 0.18
CA THR A 201 -8.05 -19.81 1.46
C THR A 201 -8.89 -18.55 1.73
N THR A 202 -8.36 -17.38 1.38
CA THR A 202 -9.10 -16.14 1.59
C THR A 202 -10.34 -16.11 0.71
N PHE A 203 -10.20 -16.51 -0.55
CA PHE A 203 -11.34 -16.52 -1.47
C PHE A 203 -12.42 -17.49 -1.00
N ASP A 204 -12.01 -18.70 -0.64
CA ASP A 204 -12.96 -19.74 -0.28
C ASP A 204 -13.70 -19.39 1.02
N GLU A 205 -13.00 -18.82 2.00
CA GLU A 205 -13.69 -18.45 3.23
C GLU A 205 -14.61 -17.25 3.04
N ALA A 206 -14.29 -16.32 2.13
CA ALA A 206 -15.24 -15.27 1.83
C ALA A 206 -16.45 -15.83 1.10
N MET A 207 -16.23 -16.72 0.13
CA MET A 207 -17.34 -17.27 -0.63
C MET A 207 -18.40 -17.85 0.30
N ALA A 208 -17.97 -18.54 1.33
CA ALA A 208 -18.87 -19.22 2.26
C ALA A 208 -19.59 -18.28 3.20
N ASP A 209 -19.19 -17.01 3.26
CA ASP A 209 -19.82 -16.01 4.13
C ASP A 209 -20.66 -15.01 3.34
N LEU A 210 -20.70 -15.11 2.00
CA LEU A 210 -21.40 -14.12 1.20
C LEU A 210 -22.90 -14.12 1.51
N HIS A 211 -23.44 -15.26 1.88
CA HIS A 211 -24.89 -15.37 2.11
C HIS A 211 -25.37 -14.46 3.23
N THR A 212 -24.45 -13.96 4.08
CA THR A 212 -24.79 -13.12 5.22
C THR A 212 -24.95 -11.66 4.84
N LEU A 213 -24.60 -11.28 3.60
CA LEU A 213 -24.44 -9.89 3.22
C LEU A 213 -25.64 -9.33 2.47
N SER A 214 -25.83 -8.02 2.63
CA SER A 214 -26.74 -7.27 1.78
C SER A 214 -26.21 -7.18 0.35
N GLU A 215 -27.06 -6.66 -0.53
CA GLU A 215 -26.67 -6.53 -1.93
C GLU A 215 -25.48 -5.60 -2.10
N ASP A 216 -25.46 -4.50 -1.35
CA ASP A 216 -24.36 -3.54 -1.49
C ASP A 216 -23.05 -4.12 -0.94
N SER A 217 -23.11 -4.77 0.22
CA SER A 217 -21.91 -5.37 0.80
C SER A 217 -21.42 -6.54 -0.05
N TYR A 218 -22.35 -7.32 -0.61
CA TYR A 218 -21.98 -8.37 -1.55
C TYR A 218 -21.18 -7.81 -2.74
N LYS A 219 -21.59 -6.65 -3.26
CA LYS A 219 -20.83 -6.06 -4.37
C LYS A 219 -19.43 -5.67 -3.93
N ASP A 220 -19.31 -5.04 -2.76
CA ASP A 220 -18.00 -4.63 -2.24
C ASP A 220 -17.07 -5.82 -2.10
N SER A 221 -17.55 -6.90 -1.47
CA SER A 221 -16.71 -8.07 -1.21
C SER A 221 -16.38 -8.83 -2.49
N THR A 222 -17.36 -9.03 -3.37
CA THR A 222 -17.06 -9.80 -4.57
C THR A 222 -16.09 -9.08 -5.49
N LEU A 223 -16.08 -7.74 -5.44
CA LEU A 223 -15.11 -6.98 -6.21
C LEU A 223 -13.68 -7.41 -5.85
N ILE A 224 -13.39 -7.46 -4.57
CA ILE A 224 -12.04 -7.80 -4.16
C ILE A 224 -11.80 -9.29 -4.30
N MET A 225 -12.83 -10.11 -4.12
CA MET A 225 -12.66 -11.53 -4.40
C MET A 225 -12.23 -11.74 -5.85
N GLN A 226 -12.75 -10.91 -6.77
CA GLN A 226 -12.35 -11.10 -8.17
C GLN A 226 -10.87 -10.79 -8.35
N LEU A 227 -10.35 -9.80 -7.62
CA LEU A 227 -8.91 -9.51 -7.69
C LEU A 227 -8.09 -10.68 -7.20
N LEU A 228 -8.52 -11.34 -6.13
CA LEU A 228 -7.84 -12.55 -5.67
C LEU A 228 -7.86 -13.62 -6.76
N ARG A 229 -9.02 -13.80 -7.41
CA ARG A 229 -9.08 -14.86 -8.42
C ARG A 229 -8.24 -14.49 -9.65
N ASP A 230 -8.21 -13.22 -10.04
CA ASP A 230 -7.36 -12.79 -11.13
C ASP A 230 -5.91 -13.16 -10.87
N ASN A 231 -5.45 -12.94 -9.63
CA ASN A 231 -4.05 -13.27 -9.30
C ASN A 231 -3.80 -14.77 -9.35
N LEU A 232 -4.73 -15.57 -8.82
CA LEU A 232 -4.58 -17.02 -8.86
C LEU A 232 -4.50 -17.53 -10.28
N THR A 233 -5.30 -16.96 -11.19
CA THR A 233 -5.24 -17.29 -12.61
C THR A 233 -3.87 -16.95 -13.18
N LEU A 234 -3.34 -15.77 -12.83
CA LEU A 234 -2.02 -15.41 -13.29
C LEU A 234 -0.94 -16.31 -12.71
N TRP A 235 -1.14 -16.84 -11.49
CA TRP A 235 -0.07 -17.50 -10.77
C TRP A 235 -0.06 -19.02 -10.92
N THR A 236 -1.13 -19.61 -11.45
CA THR A 236 -1.24 -21.07 -11.45
C THR A 236 -1.40 -21.66 -12.85
MG MG B . -2.17 -20.00 6.79
MG MG C . -8.99 24.33 14.37
MG MG D . 19.51 4.47 -4.21
C05 OO8 E . -1.18 -4.10 -5.70
C06 OO8 E . -1.96 -4.58 -4.64
C07 OO8 E . -2.86 -5.62 -4.87
C08 OO8 E . -2.98 -6.17 -6.14
C09 OO8 E . -2.19 -5.70 -7.19
C10 OO8 E . -1.28 -4.66 -6.97
C12 OO8 E . 0.76 -4.83 -8.17
C13 OO8 E . 1.42 -4.51 -9.52
C15 OO8 E . 0.79 -2.03 -9.45
C16 OO8 E . 1.47 -0.76 -9.92
C17 OO8 E . 0.78 0.43 -10.05
C18 OO8 E . 1.43 1.58 -10.48
C19 OO8 E . 2.78 1.52 -10.78
C20 OO8 E . 3.47 0.33 -10.68
C21 OO8 E . 2.82 -0.81 -10.24
N14 OO8 E . 1.43 -3.17 -10.10
O01 OO8 E . 1.38 -3.32 -5.74
O03 OO8 E . -0.23 -1.53 -6.31
O04 OO8 E . -0.14 -2.22 -3.94
O11 OO8 E . -0.47 -4.17 -8.02
O22 OO8 E . 1.97 -5.37 -10.13
P02 OO8 E . 0.03 -2.72 -5.39
H061 OO8 E . -1.88 -4.22 -3.80
H071 OO8 E . -3.38 -5.94 -4.18
H081 OO8 E . -3.58 -6.86 -6.29
H091 OO8 E . -2.27 -6.06 -8.03
H122 OO8 E . 0.61 -5.79 -8.12
H121 OO8 E . 1.35 -4.55 -7.45
H152 OO8 E . -0.16 -2.01 -9.69
H151 OO8 E . 0.87 -2.12 -8.50
H171 OO8 E . -0.13 0.47 -9.83
H181 OO8 E . 0.96 2.37 -10.56
H191 OO8 E . 3.22 2.29 -11.06
H201 OO8 E . 4.38 0.29 -10.89
H211 OO8 E . 3.28 -1.61 -10.17
H141 OO8 E . 1.83 -3.05 -10.85
#